data_2AG6
#
_entry.id   2AG6
#
_cell.length_a   102.719
_cell.length_b   102.719
_cell.length_c   70.598
_cell.angle_alpha   90.00
_cell.angle_beta   90.00
_cell.angle_gamma   90.00
#
_symmetry.space_group_name_H-M   'P 43 21 2'
#
loop_
_entity.id
_entity.type
_entity.pdbx_description
1 polymer 'Tyrosyl-tRNA synthetase'
2 non-polymer 4-BROMO-L-PHENYLALANINE
3 water water
#
_entity_poly.entity_id   1
_entity_poly.type   'polypeptide(L)'
_entity_poly.pdbx_seq_one_letter_code
;MDEFEMIKRNTSEIISEEELREVLKKDEKSALIGFEPSGKIHLGHYLQIKKMIDLQNAGFDIIILLADLHAYLNQKGELD
EIRKIGDYNKKVFEAMGLKAKYVYGSSFQLDKDYTLNVYRLALKTTLKRARRSMELIAREDENPKVAEVIYPIMQVNPLH
YEGVDVAVGGMEQRKIHMLARELLPKKVVCIHNPVLTGLDGEGKMSSSKGNFIAVDDSPEEIRAKIKKAYCPAGVVEGNP
IMEIAKYFLEYPLTIKRPEKFGGDLTVNSYEELESLFKNKELHPMDLKNAVAEELIKILEPIRKRLLEHHHHHH
;
_entity_poly.pdbx_strand_id   A
#
# COMPACT_ATOMS: atom_id res chain seq x y z
N MET A 1 3.63 8.95 20.60
CA MET A 1 3.89 9.50 19.25
C MET A 1 2.99 10.72 19.03
N ASP A 2 3.58 11.88 18.76
CA ASP A 2 2.83 13.00 18.20
C ASP A 2 2.25 12.66 16.80
N GLU A 3 1.61 13.64 16.14
CA GLU A 3 0.97 13.39 14.84
C GLU A 3 2.01 12.96 13.83
N PHE A 4 3.11 13.70 13.79
CA PHE A 4 4.14 13.45 12.84
C PHE A 4 4.66 12.02 12.99
N GLU A 5 4.91 11.58 14.23
CA GLU A 5 5.47 10.25 14.43
C GLU A 5 4.45 9.16 14.13
N MET A 6 3.18 9.40 14.47
CA MET A 6 2.11 8.47 14.06
C MET A 6 2.14 8.28 12.56
N ILE A 7 2.26 9.38 11.83
CA ILE A 7 2.21 9.31 10.37
C ILE A 7 3.45 8.62 9.84
N LYS A 8 4.59 8.97 10.42
CA LYS A 8 5.85 8.39 10.01
C LYS A 8 5.95 6.90 10.33
N ARG A 9 5.19 6.43 11.32
CA ARG A 9 5.31 5.06 11.76
C ARG A 9 5.12 4.08 10.57
N ASN A 10 6.09 3.17 10.42
CA ASN A 10 6.04 2.12 9.42
C ASN A 10 5.98 2.58 7.95
N THR A 11 6.42 3.80 7.66
CA THR A 11 6.62 4.26 6.29
C THR A 11 8.09 4.06 5.95
N SER A 12 8.39 4.02 4.66
CA SER A 12 9.75 3.87 4.22
C SER A 12 10.45 5.20 4.02
N GLU A 13 9.73 6.24 3.59
CA GLU A 13 10.34 7.56 3.48
C GLU A 13 9.23 8.58 3.37
N ILE A 14 9.56 9.79 3.74
CA ILE A 14 8.64 10.93 3.63
C ILE A 14 9.45 11.98 2.92
N ILE A 15 8.92 12.54 1.85
CA ILE A 15 9.66 13.51 1.05
C ILE A 15 8.84 14.80 0.98
N SER A 16 9.15 15.79 1.81
CA SER A 16 10.15 15.71 2.85
C SER A 16 9.48 15.84 4.20
N GLU A 17 10.20 15.45 5.23
CA GLU A 17 9.72 15.58 6.57
C GLU A 17 9.55 17.04 7.03
N GLU A 18 10.42 17.94 6.59
CA GLU A 18 10.22 19.35 6.92
C GLU A 18 8.96 19.84 6.21
N GLU A 19 8.75 19.43 4.97
CA GLU A 19 7.50 19.77 4.31
C GLU A 19 6.27 19.21 5.04
N LEU A 20 6.35 17.97 5.53
CA LEU A 20 5.21 17.37 6.22
C LEU A 20 4.87 18.15 7.48
N ARG A 21 5.90 18.62 8.17
CA ARG A 21 5.67 19.35 9.42
C ARG A 21 4.96 20.66 9.17
N GLU A 22 5.28 21.32 8.04
CA GLU A 22 4.61 22.54 7.59
C GLU A 22 3.13 22.22 7.30
N VAL A 23 2.88 21.12 6.60
CA VAL A 23 1.50 20.69 6.30
C VAL A 23 0.67 20.44 7.55
N LEU A 24 1.23 19.75 8.53
CA LEU A 24 0.50 19.45 9.74
C LEU A 24 0.02 20.69 10.52
N LYS A 25 0.71 21.81 10.35
CA LYS A 25 0.32 23.04 11.02
C LYS A 25 -0.98 23.67 10.47
N LYS A 26 -1.35 23.30 9.25
CA LYS A 26 -2.52 23.85 8.57
C LYS A 26 -3.80 23.29 9.13
N ASP A 27 -4.86 24.10 9.11
CA ASP A 27 -6.19 23.63 9.46
C ASP A 27 -6.72 22.60 8.56
N GLU A 28 -6.56 22.84 7.27
CA GLU A 28 -7.12 21.94 6.31
C GLU A 28 -5.96 21.42 5.56
N LYS A 29 -5.92 20.10 5.44
CA LYS A 29 -4.90 19.42 4.66
C LYS A 29 -5.55 18.22 4.01
N SER A 30 -5.13 17.87 2.79
CA SER A 30 -5.61 16.71 2.10
C SER A 30 -4.51 15.77 1.69
N ALA A 31 -4.81 14.46 1.69
CA ALA A 31 -3.91 13.47 1.27
C ALA A 31 -4.57 12.57 0.25
N LEU A 32 -3.81 12.24 -0.78
CA LEU A 32 -4.29 11.42 -1.86
C LEU A 32 -3.52 10.10 -1.95
N ILE A 33 -4.21 9.03 -2.28
CA ILE A 33 -3.59 7.83 -2.78
C ILE A 33 -4.36 7.35 -3.99
N GLY A 34 -3.65 6.90 -5.01
CA GLY A 34 -4.31 6.23 -6.12
C GLY A 34 -4.00 4.76 -6.15
N PHE A 35 -4.98 3.99 -6.56
CA PHE A 35 -4.82 2.55 -6.79
C PHE A 35 -5.38 2.22 -8.14
N GLU A 36 -4.64 1.50 -8.98
CA GLU A 36 -5.26 0.76 -10.03
C GLU A 36 -6.19 -0.23 -9.33
N PRO A 37 -7.48 -0.24 -9.70
CA PRO A 37 -8.37 -1.20 -9.08
C PRO A 37 -7.93 -2.64 -9.25
N SER A 38 -8.12 -3.41 -8.19
CA SER A 38 -7.58 -4.78 -8.09
C SER A 38 -8.74 -5.72 -7.76
N GLY A 39 -8.77 -6.90 -8.39
CA GLY A 39 -9.86 -7.84 -8.21
C GLY A 39 -9.86 -8.35 -6.79
N LYS A 40 -8.66 -8.44 -6.22
CA LYS A 40 -8.49 -8.77 -4.81
C LYS A 40 -7.80 -7.65 -4.08
N ILE A 41 -8.32 -7.28 -2.92
CA ILE A 41 -7.66 -6.31 -2.07
C ILE A 41 -6.90 -7.07 -1.01
N HIS A 42 -5.60 -6.81 -0.94
CA HIS A 42 -4.72 -7.64 -0.14
C HIS A 42 -4.04 -6.81 0.92
N LEU A 43 -3.16 -7.43 1.70
CA LEU A 43 -2.53 -6.71 2.82
C LEU A 43 -1.67 -5.53 2.39
N GLY A 44 -1.13 -5.59 1.18
CA GLY A 44 -0.39 -4.45 0.66
C GLY A 44 -1.25 -3.24 0.53
N HIS A 45 -2.45 -3.42 0.00
CA HIS A 45 -3.44 -2.37 0.01
C HIS A 45 -3.78 -1.92 1.42
N TYR A 46 -4.10 -2.88 2.28
CA TYR A 46 -4.47 -2.59 3.67
C TYR A 46 -3.41 -1.81 4.40
N LEU A 47 -2.15 -2.13 4.18
CA LEU A 47 -1.09 -1.37 4.83
C LEU A 47 -1.18 0.10 4.46
N GLN A 48 -1.47 0.40 3.22
CA GLN A 48 -1.51 1.76 2.79
C GLN A 48 -2.78 2.42 3.27
N ILE A 49 -3.88 1.68 3.27
CA ILE A 49 -5.14 2.25 3.77
C ILE A 49 -5.03 2.60 5.26
N LYS A 50 -4.38 1.73 6.00
CA LYS A 50 -4.07 1.99 7.38
C LYS A 50 -3.30 3.30 7.48
N LYS A 51 -2.38 3.55 6.57
CA LYS A 51 -1.63 4.84 6.61
C LYS A 51 -2.52 6.02 6.29
N MET A 52 -3.45 5.87 5.35
CA MET A 52 -4.43 6.92 5.06
C MET A 52 -5.26 7.17 6.30
N ILE A 53 -5.59 6.10 7.03
CA ILE A 53 -6.37 6.23 8.28
C ILE A 53 -5.56 7.01 9.32
N ASP A 54 -4.29 6.71 9.47
CA ASP A 54 -3.40 7.59 10.27
C ASP A 54 -3.52 9.06 9.88
N LEU A 55 -3.46 9.34 8.59
CA LEU A 55 -3.56 10.70 8.08
C LEU A 55 -4.90 11.33 8.43
N GLN A 56 -5.97 10.55 8.27
CA GLN A 56 -7.32 10.94 8.64
C GLN A 56 -7.45 11.25 10.12
N ASN A 57 -6.77 10.47 10.95
CA ASN A 57 -6.74 10.72 12.38
C ASN A 57 -5.93 11.96 12.70
N ALA A 58 -5.02 12.31 11.81
CA ALA A 58 -4.21 13.51 11.88
C ALA A 58 -4.91 14.71 11.28
N GLY A 59 -6.20 14.59 10.94
CA GLY A 59 -6.99 15.71 10.45
C GLY A 59 -6.89 15.98 8.96
N PHE A 60 -6.34 15.03 8.22
CA PHE A 60 -6.31 15.14 6.77
C PHE A 60 -7.65 14.70 6.19
N ASP A 61 -8.10 15.40 5.17
CA ASP A 61 -9.15 14.89 4.30
C ASP A 61 -8.48 13.89 3.35
N ILE A 62 -9.12 12.74 3.13
CA ILE A 62 -8.53 11.68 2.38
C ILE A 62 -9.19 11.55 1.05
N ILE A 63 -8.38 11.45 -0.01
CA ILE A 63 -8.89 11.20 -1.35
C ILE A 63 -8.30 9.90 -1.89
N ILE A 64 -9.18 9.01 -2.32
CA ILE A 64 -8.80 7.75 -2.93
C ILE A 64 -9.14 7.93 -4.40
N LEU A 65 -8.10 7.95 -5.21
CA LEU A 65 -8.26 7.92 -6.64
C LEU A 65 -8.34 6.46 -7.04
N LEU A 66 -9.48 6.11 -7.59
CA LEU A 66 -9.66 4.83 -8.21
C LEU A 66 -9.16 5.04 -9.64
N ALA A 67 -7.93 4.60 -9.86
CA ALA A 67 -7.13 4.98 -11.04
C ALA A 67 -7.50 4.09 -12.20
N ASP A 68 -8.72 4.27 -12.70
CA ASP A 68 -9.22 3.34 -13.71
C ASP A 68 -8.50 3.51 -15.05
N LEU A 69 -8.19 4.74 -15.41
CA LEU A 69 -7.59 5.01 -16.72
C LEU A 69 -6.17 4.51 -16.64
N HIS A 70 -5.51 4.71 -15.50
CA HIS A 70 -4.16 4.13 -15.34
C HIS A 70 -4.12 2.64 -15.45
N ALA A 71 -5.08 1.98 -14.81
CA ALA A 71 -5.21 0.54 -14.92
C ALA A 71 -5.49 0.10 -16.34
N TYR A 72 -6.31 0.86 -17.04
CA TYR A 72 -6.56 0.64 -18.45
C TYR A 72 -5.26 0.66 -19.24
N LEU A 73 -4.49 1.73 -19.08
CA LEU A 73 -3.20 1.87 -19.73
C LEU A 73 -2.23 0.78 -19.32
N ASN A 74 -2.40 0.25 -18.10
CA ASN A 74 -1.54 -0.82 -17.60
C ASN A 74 -2.16 -2.21 -17.82
N GLN A 75 -3.00 -2.33 -18.84
CA GLN A 75 -3.44 -3.59 -19.38
C GLN A 75 -4.31 -4.44 -18.44
N LYS A 76 -4.98 -3.78 -17.51
CA LYS A 76 -5.85 -4.45 -16.59
C LYS A 76 -7.20 -4.73 -17.16
N GLY A 77 -7.48 -4.23 -18.37
CA GLY A 77 -8.70 -4.56 -19.10
C GLY A 77 -9.46 -3.36 -19.58
N GLU A 78 -10.75 -3.54 -19.83
CA GLU A 78 -11.59 -2.48 -20.33
C GLU A 78 -12.04 -1.57 -19.21
N LEU A 79 -12.22 -0.30 -19.52
CA LEU A 79 -12.58 0.68 -18.49
C LEU A 79 -13.81 0.33 -17.70
N ASP A 80 -14.85 -0.16 -18.38
CA ASP A 80 -16.10 -0.44 -17.65
C ASP A 80 -15.94 -1.50 -16.58
N GLU A 81 -15.24 -2.59 -16.92
CA GLU A 81 -14.93 -3.64 -15.96
C GLU A 81 -13.97 -3.17 -14.90
N ILE A 82 -13.03 -2.33 -15.27
CA ILE A 82 -12.13 -1.76 -14.28
C ILE A 82 -12.88 -0.92 -13.26
N ARG A 83 -13.84 -0.13 -13.74
CA ARG A 83 -14.62 0.73 -12.84
C ARG A 83 -15.45 -0.07 -11.88
N LYS A 84 -15.97 -1.21 -12.33
CA LYS A 84 -16.68 -2.05 -11.40
C LYS A 84 -15.77 -2.74 -10.37
N ILE A 85 -14.56 -3.10 -10.77
CA ILE A 85 -13.55 -3.53 -9.77
C ILE A 85 -13.29 -2.36 -8.81
N GLY A 86 -13.26 -1.15 -9.34
CA GLY A 86 -13.13 0.06 -8.54
C GLY A 86 -14.21 0.20 -7.48
N ASP A 87 -15.46 0.03 -7.87
CA ASP A 87 -16.60 0.16 -6.91
C ASP A 87 -16.48 -0.85 -5.77
N TYR A 88 -16.00 -2.04 -6.11
CA TYR A 88 -15.73 -3.07 -5.10
C TYR A 88 -14.62 -2.66 -4.17
N ASN A 89 -13.54 -2.12 -4.73
CA ASN A 89 -12.40 -1.65 -3.92
C ASN A 89 -12.86 -0.57 -2.93
N LYS A 90 -13.71 0.34 -3.41
CA LYS A 90 -14.35 1.37 -2.56
C LYS A 90 -15.09 0.73 -1.40
N LYS A 91 -15.87 -0.32 -1.65
CA LYS A 91 -16.56 -1.03 -0.57
C LYS A 91 -15.56 -1.64 0.41
N VAL A 92 -14.50 -2.25 -0.09
CA VAL A 92 -13.50 -2.81 0.81
C VAL A 92 -12.84 -1.73 1.67
N PHE A 93 -12.48 -0.62 1.03
CA PHE A 93 -11.80 0.44 1.75
C PHE A 93 -12.72 1.02 2.82
N GLU A 94 -14.00 1.16 2.50
CA GLU A 94 -14.98 1.59 3.48
C GLU A 94 -15.11 0.56 4.60
N ALA A 95 -15.04 -0.73 4.26
CA ALA A 95 -15.10 -1.78 5.28
C ALA A 95 -13.88 -1.74 6.18
N MET A 96 -12.74 -1.26 5.67
CA MET A 96 -11.53 -1.11 6.51
C MET A 96 -11.62 0.08 7.44
N GLY A 97 -12.68 0.88 7.31
CA GLY A 97 -12.90 1.97 8.25
C GLY A 97 -12.38 3.30 7.75
N LEU A 98 -12.06 3.40 6.48
CA LEU A 98 -11.54 4.64 5.96
C LEU A 98 -12.66 5.63 5.76
N LYS A 99 -12.43 6.88 6.13
CA LYS A 99 -13.36 7.95 5.78
C LYS A 99 -12.68 8.77 4.72
N ALA A 100 -13.19 8.66 3.49
CA ALA A 100 -12.53 9.30 2.35
C ALA A 100 -13.50 9.71 1.27
N LYS A 101 -13.05 10.56 0.35
CA LYS A 101 -13.73 10.81 -0.91
C LYS A 101 -13.11 9.89 -1.95
N TYR A 102 -13.94 9.33 -2.82
CA TYR A 102 -13.51 8.45 -3.87
C TYR A 102 -13.74 9.12 -5.20
N VAL A 103 -12.73 9.08 -6.07
CA VAL A 103 -12.85 9.66 -7.38
C VAL A 103 -12.39 8.62 -8.38
N TYR A 104 -13.13 8.51 -9.48
CA TYR A 104 -12.69 7.68 -10.57
C TYR A 104 -11.85 8.56 -11.48
N GLY A 105 -10.66 8.10 -11.82
CA GLY A 105 -9.77 8.84 -12.70
C GLY A 105 -10.44 9.32 -13.96
N SER A 106 -11.18 8.44 -14.60
CA SER A 106 -11.74 8.78 -15.91
C SER A 106 -12.77 9.93 -15.84
N SER A 107 -13.22 10.25 -14.63
CA SER A 107 -14.09 11.39 -14.38
C SER A 107 -13.48 12.69 -14.79
N PHE A 108 -12.16 12.81 -14.73
CA PHE A 108 -11.52 14.07 -15.02
C PHE A 108 -10.31 13.92 -15.96
N GLN A 109 -9.82 12.70 -16.13
CA GLN A 109 -8.57 12.52 -16.83
C GLN A 109 -8.72 12.64 -18.34
N LEU A 110 -9.96 12.79 -18.81
CA LEU A 110 -10.21 13.01 -20.24
C LEU A 110 -10.61 14.45 -20.53
N ASP A 111 -10.52 15.29 -19.51
CA ASP A 111 -10.77 16.72 -19.65
C ASP A 111 -9.69 17.37 -20.47
N LYS A 112 -10.04 18.40 -21.25
CA LYS A 112 -9.08 19.07 -22.14
C LYS A 112 -7.85 19.56 -21.40
N ASP A 113 -8.04 20.18 -20.24
CA ASP A 113 -6.91 20.72 -19.51
C ASP A 113 -5.98 19.61 -19.01
N TYR A 114 -6.55 18.52 -18.54
CA TYR A 114 -5.78 17.39 -18.07
C TYR A 114 -4.93 16.85 -19.22
N THR A 115 -5.59 16.63 -20.34
CA THR A 115 -4.94 16.12 -21.54
C THR A 115 -3.83 17.02 -22.03
N LEU A 116 -4.06 18.32 -22.04
CA LEU A 116 -3.03 19.29 -22.42
C LEU A 116 -1.80 19.15 -21.54
N ASN A 117 -2.00 18.96 -20.24
CA ASN A 117 -0.91 18.78 -19.33
C ASN A 117 -0.15 17.47 -19.56
N VAL A 118 -0.85 16.41 -19.99
CA VAL A 118 -0.19 15.18 -20.39
C VAL A 118 0.83 15.44 -21.49
N TYR A 119 0.40 16.15 -22.52
CA TYR A 119 1.24 16.45 -23.67
C TYR A 119 2.38 17.36 -23.31
N ARG A 120 2.12 18.33 -22.44
CA ARG A 120 3.15 19.23 -21.99
C ARG A 120 4.19 18.46 -21.24
N LEU A 121 3.77 17.55 -20.36
CA LEU A 121 4.71 16.74 -19.58
C LEU A 121 5.44 15.73 -20.44
N ALA A 122 4.79 15.32 -21.52
CA ALA A 122 5.36 14.37 -22.48
C ALA A 122 6.58 14.97 -23.16
N LEU A 123 6.56 16.29 -23.29
CA LEU A 123 7.63 17.05 -23.90
C LEU A 123 8.83 17.14 -22.97
N LYS A 124 8.53 17.06 -21.68
CA LYS A 124 9.50 17.26 -20.60
C LYS A 124 10.13 15.98 -20.10
N THR A 125 9.51 14.86 -20.43
CA THR A 125 9.83 13.59 -19.83
C THR A 125 10.49 12.73 -20.90
N THR A 126 11.71 12.31 -20.65
CA THR A 126 12.37 11.41 -21.57
C THR A 126 11.70 10.03 -21.53
N LEU A 127 11.74 9.34 -22.66
CA LEU A 127 11.29 7.98 -22.72
C LEU A 127 12.05 7.11 -21.74
N LYS A 128 13.35 7.34 -21.63
CA LYS A 128 14.21 6.54 -20.79
C LYS A 128 13.74 6.67 -19.35
N ARG A 129 13.48 7.88 -18.92
CA ARG A 129 13.04 8.14 -17.57
C ARG A 129 11.64 7.61 -17.31
N ALA A 130 10.76 7.73 -18.29
CA ALA A 130 9.43 7.20 -18.14
C ALA A 130 9.45 5.69 -18.00
N ARG A 131 10.21 5.04 -18.83
CA ARG A 131 10.35 3.62 -18.76
C ARG A 131 11.00 3.18 -17.44
N ARG A 132 12.10 3.79 -17.04
CA ARG A 132 12.74 3.55 -15.73
C ARG A 132 11.70 3.67 -14.59
N SER A 133 10.85 4.67 -14.68
CA SER A 133 9.81 4.92 -13.65
C SER A 133 8.79 3.81 -13.52
N MET A 134 8.56 3.08 -14.59
CA MET A 134 7.56 2.07 -14.62
C MET A 134 8.09 0.66 -14.37
N GLU A 135 9.38 0.52 -14.13
CA GLU A 135 9.95 -0.83 -13.98
C GLU A 135 9.22 -1.70 -12.97
N LEU A 136 8.82 -1.13 -11.84
CA LEU A 136 8.14 -1.93 -10.80
C LEU A 136 6.64 -1.90 -10.90
N ILE A 137 6.11 -1.24 -11.93
CA ILE A 137 4.68 -1.03 -12.05
C ILE A 137 4.07 -1.63 -13.33
N ALA A 138 4.80 -1.52 -14.41
CA ALA A 138 4.30 -1.92 -15.70
C ALA A 138 3.94 -3.42 -15.73
N ARG A 139 2.79 -3.75 -16.29
CA ARG A 139 2.47 -5.16 -16.48
C ARG A 139 3.56 -5.75 -17.37
N GLU A 140 3.93 -7.00 -17.11
CA GLU A 140 4.98 -7.64 -17.88
C GLU A 140 4.53 -7.71 -19.32
N ASP A 141 5.39 -7.30 -20.23
CA ASP A 141 5.09 -7.28 -21.67
C ASP A 141 6.35 -7.47 -22.47
N GLU A 142 6.39 -8.52 -23.28
CA GLU A 142 7.54 -8.79 -24.12
C GLU A 142 7.75 -7.69 -25.15
N ASN A 143 6.71 -6.92 -25.43
CA ASN A 143 6.79 -5.87 -26.44
C ASN A 143 6.13 -4.61 -25.91
N PRO A 144 6.83 -3.88 -25.02
CA PRO A 144 6.24 -2.77 -24.27
C PRO A 144 5.49 -1.77 -25.15
N LYS A 145 4.33 -1.38 -24.69
CA LYS A 145 3.47 -0.49 -25.46
C LYS A 145 3.69 0.96 -25.11
N VAL A 146 3.25 1.82 -26.02
CA VAL A 146 3.29 3.25 -25.72
C VAL A 146 2.55 3.58 -24.45
N ALA A 147 1.46 2.86 -24.17
CA ALA A 147 0.70 3.08 -22.96
C ALA A 147 1.61 3.11 -21.72
N GLU A 148 2.69 2.34 -21.76
CA GLU A 148 3.56 2.25 -20.57
C GLU A 148 4.15 3.58 -20.21
N VAL A 149 4.48 4.42 -21.20
CA VAL A 149 5.15 5.71 -20.89
C VAL A 149 4.16 6.85 -20.70
N ILE A 150 2.95 6.67 -21.20
CA ILE A 150 1.89 7.61 -20.89
C ILE A 150 1.47 7.55 -19.41
N TYR A 151 1.43 6.35 -18.87
CA TYR A 151 1.08 6.15 -17.47
C TYR A 151 1.79 7.08 -16.46
N PRO A 152 3.12 7.13 -16.44
CA PRO A 152 3.78 7.93 -15.43
C PRO A 152 3.55 9.43 -15.62
N ILE A 153 3.47 9.85 -16.89
CA ILE A 153 3.24 11.25 -17.14
C ILE A 153 1.83 11.63 -16.66
N MET A 154 0.84 10.78 -16.85
CA MET A 154 -0.46 11.04 -16.27
C MET A 154 -0.41 11.08 -14.76
N GLN A 155 0.36 10.17 -14.17
CA GLN A 155 0.47 10.15 -12.72
C GLN A 155 1.12 11.44 -12.14
N VAL A 156 1.96 12.11 -12.91
CA VAL A 156 2.57 13.35 -12.45
C VAL A 156 1.79 14.58 -12.86
N ASN A 157 0.59 14.42 -13.42
CA ASN A 157 -0.16 15.52 -13.96
C ASN A 157 -0.53 16.44 -12.80
N PRO A 158 -0.30 17.75 -12.94
CA PRO A 158 -0.61 18.59 -11.81
C PRO A 158 -2.08 18.57 -11.38
N LEU A 159 -3.01 18.21 -12.26
CA LEU A 159 -4.43 18.20 -11.90
C LEU A 159 -4.83 17.07 -10.97
N HIS A 160 -3.94 16.12 -10.77
CA HIS A 160 -4.19 15.15 -9.73
C HIS A 160 -3.92 15.71 -8.34
N TYR A 161 -3.11 16.76 -8.22
CA TYR A 161 -2.62 17.17 -6.93
C TYR A 161 -3.05 18.56 -6.54
N GLU A 162 -3.96 19.15 -7.29
CA GLU A 162 -4.40 20.49 -6.96
C GLU A 162 -5.18 20.42 -5.65
N GLY A 163 -4.75 21.20 -4.67
CA GLY A 163 -5.34 21.20 -3.33
C GLY A 163 -4.95 19.97 -2.55
N VAL A 164 -3.97 19.20 -3.01
CA VAL A 164 -3.46 18.08 -2.17
C VAL A 164 -2.07 18.38 -1.64
N ASP A 165 -1.91 18.14 -0.36
CA ASP A 165 -0.71 18.47 0.36
C ASP A 165 0.23 17.27 0.41
N VAL A 166 -0.34 16.07 0.42
CA VAL A 166 0.39 14.82 0.62
C VAL A 166 -0.10 13.79 -0.35
N ALA A 167 0.84 13.07 -0.97
CA ALA A 167 0.56 11.88 -1.75
C ALA A 167 1.23 10.69 -1.10
N VAL A 168 0.47 9.62 -0.99
CA VAL A 168 0.95 8.37 -0.43
C VAL A 168 0.96 7.30 -1.48
N GLY A 169 1.97 6.45 -1.45
CA GLY A 169 2.00 5.27 -2.29
C GLY A 169 3.05 4.33 -1.81
N GLY A 170 3.13 3.18 -2.46
CA GLY A 170 4.18 2.23 -2.16
C GLY A 170 5.50 2.71 -2.67
N MET A 171 6.57 2.12 -2.16
CA MET A 171 7.90 2.44 -2.64
C MET A 171 8.08 2.20 -4.12
N GLU A 172 7.24 1.33 -4.72
CA GLU A 172 7.28 1.10 -6.17
C GLU A 172 6.99 2.33 -6.94
N GLN A 173 6.25 3.26 -6.34
CA GLN A 173 5.93 4.50 -6.97
C GLN A 173 7.04 5.53 -6.93
N ARG A 174 8.13 5.28 -6.23
CA ARG A 174 9.05 6.36 -5.94
C ARG A 174 9.68 7.03 -7.13
N LYS A 175 10.02 6.28 -8.18
CA LYS A 175 10.60 6.92 -9.37
C LYS A 175 9.59 7.83 -10.08
N ILE A 176 8.34 7.41 -10.15
CA ILE A 176 7.31 8.29 -10.66
C ILE A 176 7.21 9.52 -9.78
N HIS A 177 7.16 9.32 -8.48
CA HIS A 177 7.02 10.48 -7.59
C HIS A 177 8.21 11.40 -7.66
N MET A 178 9.39 10.89 -7.94
CA MET A 178 10.58 11.74 -8.09
C MET A 178 10.45 12.60 -9.35
N LEU A 179 9.84 12.02 -10.39
CA LEU A 179 9.50 12.73 -11.57
C LEU A 179 8.59 13.89 -11.19
N ALA A 180 7.56 13.59 -10.41
CA ALA A 180 6.60 14.61 -10.00
C ALA A 180 7.26 15.70 -9.18
N ARG A 181 8.11 15.31 -8.25
CA ARG A 181 8.81 16.29 -7.42
C ARG A 181 9.55 17.32 -8.28
N GLU A 182 10.22 16.84 -9.31
CA GLU A 182 10.94 17.71 -10.21
C GLU A 182 10.04 18.53 -11.13
N LEU A 183 8.93 17.97 -11.58
CA LEU A 183 8.08 18.63 -12.57
C LEU A 183 6.88 19.42 -11.99
N LEU A 184 6.35 19.03 -10.84
CA LEU A 184 5.13 19.65 -10.35
C LEU A 184 5.43 21.10 -10.01
N PRO A 185 4.45 21.99 -10.25
CA PRO A 185 4.73 23.39 -10.02
C PRO A 185 4.74 23.69 -8.54
N LYS A 186 3.91 22.95 -7.79
CA LYS A 186 3.77 23.11 -6.36
C LYS A 186 4.19 21.80 -5.74
N LYS A 187 5.09 21.82 -4.77
CA LYS A 187 5.58 20.55 -4.17
C LYS A 187 4.46 19.85 -3.39
N VAL A 188 4.45 18.54 -3.50
CA VAL A 188 3.54 17.72 -2.74
C VAL A 188 4.41 16.78 -1.97
N VAL A 189 4.10 16.61 -0.70
CA VAL A 189 4.82 15.70 0.15
C VAL A 189 4.51 14.28 -0.26
N CYS A 190 5.54 13.47 -0.55
CA CYS A 190 5.40 12.03 -0.80
C CYS A 190 5.61 11.27 0.48
N ILE A 191 4.70 10.37 0.80
CA ILE A 191 4.88 9.42 1.85
C ILE A 191 4.87 8.03 1.22
N HIS A 192 5.98 7.33 1.36
CA HIS A 192 6.10 6.04 0.76
C HIS A 192 6.06 4.92 1.77
N ASN A 193 5.17 3.98 1.49
CA ASN A 193 5.00 2.84 2.30
C ASN A 193 5.85 1.69 1.80
N PRO A 194 6.33 0.85 2.71
CA PRO A 194 7.10 -0.34 2.32
C PRO A 194 6.27 -1.33 1.50
N VAL A 195 6.98 -2.10 0.68
CA VAL A 195 6.39 -3.12 -0.15
C VAL A 195 6.52 -4.44 0.55
N LEU A 196 5.39 -5.13 0.74
CA LEU A 196 5.42 -6.38 1.44
C LEU A 196 6.00 -7.46 0.57
N THR A 197 6.60 -8.42 1.23
CA THR A 197 7.16 -9.54 0.56
C THR A 197 6.06 -10.54 0.30
N GLY A 198 6.21 -11.29 -0.79
CA GLY A 198 5.23 -12.32 -1.12
C GLY A 198 5.30 -13.43 -0.12
N LEU A 199 4.17 -14.12 0.06
CA LEU A 199 4.08 -15.21 1.03
C LEU A 199 5.15 -16.27 0.84
N ASP A 200 5.57 -16.52 -0.39
CA ASP A 200 6.62 -17.50 -0.64
C ASP A 200 8.03 -16.92 -0.50
N GLY A 201 8.12 -15.66 -0.08
CA GLY A 201 9.39 -14.98 0.09
C GLY A 201 10.18 -14.69 -1.18
N GLU A 202 9.58 -14.81 -2.36
CA GLU A 202 10.35 -14.87 -3.62
C GLU A 202 10.46 -13.52 -4.33
N GLY A 203 9.52 -12.64 -4.04
CA GLY A 203 9.55 -11.29 -4.57
C GLY A 203 8.54 -10.52 -3.80
N LYS A 204 8.07 -9.43 -4.36
CA LYS A 204 7.09 -8.59 -3.70
C LYS A 204 5.69 -9.13 -3.85
N MET A 205 4.89 -8.88 -2.84
CA MET A 205 3.49 -9.22 -2.87
C MET A 205 2.85 -8.50 -4.04
N SER A 206 1.95 -9.16 -4.76
CA SER A 206 1.27 -8.50 -5.87
C SER A 206 0.03 -9.25 -6.28
N SER A 207 -0.94 -8.50 -6.78
CA SER A 207 -2.19 -9.09 -7.24
C SER A 207 -1.93 -10.12 -8.33
N SER A 208 -1.04 -9.82 -9.26
CA SER A 208 -0.87 -10.70 -10.44
C SER A 208 -0.08 -11.96 -10.10
N LYS A 209 0.63 -11.93 -8.96
CA LYS A 209 1.52 -13.02 -8.57
C LYS A 209 0.86 -14.06 -7.69
N GLY A 210 -0.36 -13.76 -7.24
CA GLY A 210 -1.09 -14.68 -6.37
C GLY A 210 -0.27 -15.15 -5.20
N ASN A 211 0.37 -14.20 -4.51
CA ASN A 211 1.27 -14.51 -3.37
C ASN A 211 0.94 -13.69 -2.12
N PHE A 212 -0.35 -13.51 -1.90
CA PHE A 212 -0.77 -12.58 -0.86
C PHE A 212 -1.95 -13.12 -0.09
N ILE A 213 -2.23 -12.50 1.03
CA ILE A 213 -3.42 -12.73 1.77
C ILE A 213 -4.35 -11.60 1.46
N ALA A 214 -5.52 -11.92 0.95
CA ALA A 214 -6.56 -10.96 0.68
C ALA A 214 -7.29 -10.71 1.97
N VAL A 215 -7.74 -9.47 2.14
CA VAL A 215 -8.40 -9.06 3.37
C VAL A 215 -9.75 -9.79 3.61
N ASP A 216 -10.34 -10.37 2.57
CA ASP A 216 -11.56 -11.14 2.72
C ASP A 216 -11.31 -12.64 2.66
N ASP A 217 -10.05 -13.06 2.84
CA ASP A 217 -9.75 -14.50 2.84
C ASP A 217 -10.45 -15.15 4.02
N SER A 218 -10.92 -16.39 3.84
CA SER A 218 -11.54 -17.06 4.93
C SER A 218 -10.43 -17.34 5.92
N PRO A 219 -10.80 -17.50 7.19
CA PRO A 219 -9.81 -17.89 8.20
C PRO A 219 -9.08 -19.19 7.86
N GLU A 220 -9.79 -20.20 7.36
CA GLU A 220 -9.15 -21.43 6.89
C GLU A 220 -8.08 -21.10 5.86
N GLU A 221 -8.45 -20.28 4.90
CA GLU A 221 -7.55 -19.81 3.87
C GLU A 221 -6.35 -19.04 4.39
N ILE A 222 -6.56 -18.11 5.31
CA ILE A 222 -5.43 -17.39 5.86
C ILE A 222 -4.46 -18.36 6.56
N ARG A 223 -5.00 -19.31 7.31
CA ARG A 223 -4.17 -20.25 8.05
C ARG A 223 -3.34 -21.10 7.09
N ALA A 224 -3.93 -21.50 5.97
CA ALA A 224 -3.22 -22.38 5.04
C ALA A 224 -2.10 -21.59 4.37
N LYS A 225 -2.37 -20.35 4.04
CA LYS A 225 -1.42 -19.46 3.35
C LYS A 225 -0.22 -19.18 4.24
N ILE A 226 -0.51 -18.90 5.51
CA ILE A 226 0.54 -18.64 6.48
C ILE A 226 1.30 -19.90 6.82
N LYS A 227 0.62 -21.04 6.83
CA LYS A 227 1.31 -22.30 7.08
C LYS A 227 2.38 -22.60 6.04
N LYS A 228 2.06 -22.33 4.78
CA LYS A 228 2.97 -22.60 3.65
C LYS A 228 4.03 -21.50 3.49
N ALA A 229 3.83 -20.38 4.17
CA ALA A 229 4.62 -19.18 3.94
C ALA A 229 6.09 -19.35 4.27
N TYR A 230 6.96 -18.74 3.47
CA TYR A 230 8.39 -18.64 3.77
C TYR A 230 8.60 -17.95 5.12
N CYS A 231 9.40 -18.54 6.01
CA CYS A 231 9.57 -18.03 7.37
C CYS A 231 10.69 -18.77 8.06
N PRO A 232 11.93 -18.64 7.55
CA PRO A 232 13.04 -19.41 8.07
C PRO A 232 13.37 -18.97 9.47
N ALA A 233 13.66 -19.92 10.33
CA ALA A 233 14.06 -19.64 11.71
C ALA A 233 15.19 -18.61 11.74
N GLY A 234 15.03 -17.58 12.56
CA GLY A 234 16.08 -16.60 12.80
C GLY A 234 16.18 -15.46 11.80
N VAL A 235 15.49 -15.58 10.66
CA VAL A 235 15.63 -14.62 9.57
C VAL A 235 14.40 -13.73 9.49
N VAL A 236 14.62 -12.42 9.60
CA VAL A 236 13.56 -11.43 9.56
C VAL A 236 13.47 -10.75 8.21
N GLU A 237 14.61 -10.63 7.54
CA GLU A 237 14.67 -9.95 6.25
C GLU A 237 13.97 -10.76 5.19
N GLY A 238 12.92 -10.18 4.61
CA GLY A 238 12.19 -10.84 3.55
C GLY A 238 11.32 -11.99 4.02
N ASN A 239 11.06 -12.02 5.33
CA ASN A 239 10.16 -12.97 5.96
C ASN A 239 8.78 -12.27 6.03
N PRO A 240 7.81 -12.73 5.21
CA PRO A 240 6.51 -12.04 5.19
C PRO A 240 5.71 -12.18 6.46
N ILE A 241 5.95 -13.23 7.22
CA ILE A 241 5.22 -13.47 8.47
C ILE A 241 5.68 -12.42 9.50
N MET A 242 6.96 -12.13 9.49
CA MET A 242 7.50 -11.10 10.39
C MET A 242 7.01 -9.73 9.96
N GLU A 243 6.90 -9.51 8.65
CA GLU A 243 6.32 -8.27 8.12
C GLU A 243 4.91 -8.08 8.61
N ILE A 244 4.09 -9.13 8.55
CA ILE A 244 2.71 -9.00 8.97
C ILE A 244 2.65 -8.62 10.43
N ALA A 245 3.48 -9.29 11.23
CA ALA A 245 3.66 -8.98 12.63
C ALA A 245 4.04 -7.52 12.89
N LYS A 246 4.96 -7.01 12.09
CA LYS A 246 5.40 -5.63 12.19
C LYS A 246 4.32 -4.65 11.78
N TYR A 247 3.61 -4.95 10.70
CA TYR A 247 2.77 -3.93 10.10
C TYR A 247 1.32 -4.00 10.50
N PHE A 248 0.86 -5.15 10.96
CA PHE A 248 -0.57 -5.30 11.24
C PHE A 248 -0.93 -5.62 12.65
N LEU A 249 -0.02 -6.21 13.40
CA LEU A 249 -0.37 -6.72 14.74
C LEU A 249 -0.28 -5.64 15.78
N GLU A 250 -1.03 -5.80 16.88
CA GLU A 250 -0.96 -4.82 17.97
C GLU A 250 -0.11 -5.43 19.06
N TYR A 251 0.49 -4.54 19.84
CA TYR A 251 1.33 -4.93 20.95
C TYR A 251 0.84 -4.25 22.22
N PRO A 252 1.12 -4.86 23.37
CA PRO A 252 1.72 -6.17 23.60
C PRO A 252 1.01 -7.31 22.91
N LEU A 253 1.79 -8.26 22.43
CA LEU A 253 1.29 -9.41 21.74
C LEU A 253 1.50 -10.62 22.64
N THR A 254 0.44 -11.39 22.88
CA THR A 254 0.53 -12.62 23.67
C THR A 254 0.53 -13.82 22.75
N ILE A 255 1.69 -14.44 22.60
CA ILE A 255 1.87 -15.60 21.73
C ILE A 255 1.56 -16.89 22.49
N LYS A 256 0.45 -17.53 22.16
CA LYS A 256 0.07 -18.76 22.83
C LYS A 256 0.97 -19.87 22.34
N ARG A 257 1.52 -20.66 23.25
CA ARG A 257 2.21 -21.89 22.88
C ARG A 257 1.95 -22.94 23.93
N PRO A 258 2.18 -24.21 23.57
CA PRO A 258 2.35 -25.29 24.53
C PRO A 258 3.46 -25.03 25.55
N GLU A 259 3.28 -25.48 26.79
CA GLU A 259 4.36 -25.38 27.77
C GLU A 259 5.62 -26.10 27.28
N LYS A 260 5.40 -27.19 26.53
CA LYS A 260 6.48 -27.93 25.86
C LYS A 260 7.47 -27.02 25.13
N PHE A 261 6.97 -25.91 24.60
CA PHE A 261 7.82 -24.99 23.84
C PHE A 261 8.03 -23.67 24.56
N GLY A 262 7.86 -23.65 25.88
CA GLY A 262 8.03 -22.42 26.66
C GLY A 262 6.74 -21.84 27.19
N GLY A 263 5.59 -22.29 26.69
CA GLY A 263 4.30 -21.78 27.15
C GLY A 263 4.07 -20.37 26.64
N ASP A 264 2.94 -19.76 26.99
CA ASP A 264 2.58 -18.44 26.44
C ASP A 264 3.69 -17.40 26.61
N LEU A 265 3.92 -16.65 25.55
CA LEU A 265 4.94 -15.62 25.51
C LEU A 265 4.25 -14.27 25.28
N THR A 266 4.57 -13.29 26.10
CA THR A 266 4.00 -11.96 25.93
C THR A 266 5.10 -11.02 25.46
N VAL A 267 4.92 -10.42 24.28
CA VAL A 267 5.94 -9.51 23.74
C VAL A 267 5.38 -8.10 23.53
N ASN A 268 6.08 -7.12 24.08
CA ASN A 268 5.54 -5.78 24.20
C ASN A 268 5.75 -4.88 23.02
N SER A 269 6.56 -5.34 22.05
CA SER A 269 6.80 -4.60 20.83
C SER A 269 7.22 -5.51 19.70
N TYR A 270 7.10 -5.03 18.46
CA TYR A 270 7.65 -5.78 17.33
C TYR A 270 9.19 -5.97 17.41
N GLU A 271 9.90 -4.96 17.87
CA GLU A 271 11.35 -5.10 18.05
C GLU A 271 11.70 -6.20 19.08
N GLU A 272 10.90 -6.28 20.13
CA GLU A 272 10.96 -7.40 21.08
C GLU A 272 10.73 -8.74 20.37
N LEU A 273 9.69 -8.82 19.56
CA LEU A 273 9.43 -10.01 18.75
C LEU A 273 10.61 -10.35 17.83
N GLU A 274 11.15 -9.33 17.17
CA GLU A 274 12.28 -9.46 16.27
C GLU A 274 13.50 -10.05 16.95
N SER A 275 13.77 -9.64 18.17
CA SER A 275 14.92 -10.15 18.89
C SER A 275 14.72 -11.62 19.24
N LEU A 276 13.53 -11.96 19.73
CA LEU A 276 13.21 -13.33 20.14
C LEU A 276 13.30 -14.30 18.96
N PHE A 277 12.65 -13.94 17.85
CA PHE A 277 12.69 -14.75 16.64
C PHE A 277 14.10 -14.88 16.10
N LYS A 278 14.83 -13.77 16.09
CA LYS A 278 16.21 -13.71 15.61
C LYS A 278 17.11 -14.54 16.51
N ASN A 279 16.85 -14.51 17.81
CA ASN A 279 17.60 -15.35 18.75
C ASN A 279 17.14 -16.81 18.75
N LYS A 280 16.15 -17.13 17.91
CA LYS A 280 15.60 -18.48 17.81
C LYS A 280 14.92 -18.96 19.09
N GLU A 281 14.44 -17.99 19.87
CA GLU A 281 13.63 -18.25 21.04
C GLU A 281 12.18 -18.46 20.66
N LEU A 282 11.75 -17.82 19.57
CA LEU A 282 10.41 -17.99 19.03
C LEU A 282 10.51 -18.71 17.69
N HIS A 283 9.86 -19.87 17.60
CA HIS A 283 9.96 -20.73 16.43
C HIS A 283 8.90 -20.29 15.43
N PRO A 284 9.21 -20.37 14.13
CA PRO A 284 8.24 -20.08 13.09
C PRO A 284 6.82 -20.63 13.29
N MET A 285 6.67 -21.87 13.75
CA MET A 285 5.33 -22.44 13.89
C MET A 285 4.47 -21.62 14.83
N ASP A 286 5.03 -21.25 15.97
CA ASP A 286 4.31 -20.45 16.99
C ASP A 286 4.09 -19.01 16.55
N LEU A 287 5.06 -18.48 15.81
CA LEU A 287 4.96 -17.13 15.26
C LEU A 287 3.83 -17.13 14.23
N LYS A 288 3.86 -18.11 13.33
CA LYS A 288 2.78 -18.31 12.37
C LYS A 288 1.42 -18.52 13.03
N ASN A 289 1.36 -19.36 14.07
CA ASN A 289 0.10 -19.61 14.76
C ASN A 289 -0.46 -18.29 15.25
N ALA A 290 0.41 -17.51 15.90
CA ALA A 290 0.05 -16.23 16.49
C ALA A 290 -0.35 -15.22 15.42
N VAL A 291 0.45 -15.12 14.36
CA VAL A 291 0.16 -14.19 13.30
C VAL A 291 -1.15 -14.53 12.60
N ALA A 292 -1.35 -15.80 12.28
CA ALA A 292 -2.59 -16.19 11.63
C ALA A 292 -3.79 -15.86 12.51
N GLU A 293 -3.74 -16.17 13.80
CA GLU A 293 -4.90 -15.95 14.65
C GLU A 293 -5.17 -14.47 14.92
N GLU A 294 -4.11 -13.69 15.11
CA GLU A 294 -4.28 -12.24 15.27
C GLU A 294 -4.76 -11.60 13.96
N LEU A 295 -4.15 -11.98 12.84
CA LEU A 295 -4.56 -11.48 11.53
C LEU A 295 -6.01 -11.80 11.21
N ILE A 296 -6.44 -13.05 11.47
CA ILE A 296 -7.83 -13.41 11.25
C ILE A 296 -8.76 -12.48 12.01
N LYS A 297 -8.42 -12.19 13.26
CA LYS A 297 -9.19 -11.28 14.09
C LYS A 297 -9.18 -9.87 13.58
N ILE A 298 -8.04 -9.44 13.05
CA ILE A 298 -7.90 -8.10 12.50
C ILE A 298 -8.80 -7.93 11.32
N LEU A 299 -8.82 -8.95 10.46
CA LEU A 299 -9.56 -8.90 9.20
C LEU A 299 -11.02 -9.26 9.31
N GLU A 300 -11.38 -10.00 10.36
CA GLU A 300 -12.73 -10.42 10.65
C GLU A 300 -13.82 -9.36 10.39
N PRO A 301 -13.72 -8.19 11.03
CA PRO A 301 -14.74 -7.16 10.77
C PRO A 301 -14.86 -6.75 9.30
N ILE A 302 -13.75 -6.75 8.59
CA ILE A 302 -13.72 -6.36 7.18
C ILE A 302 -14.39 -7.44 6.33
N ARG A 303 -13.95 -8.68 6.51
CA ARG A 303 -14.57 -9.82 5.83
C ARG A 303 -16.05 -9.81 6.13
N LYS A 304 -16.40 -9.60 7.41
CA LYS A 304 -17.79 -9.56 7.87
C LYS A 304 -18.61 -8.50 7.13
N ARG A 305 -18.13 -7.27 7.06
CA ARG A 305 -18.85 -6.21 6.32
C ARG A 305 -19.02 -6.52 4.84
N LEU A 306 -18.00 -7.08 4.23
CA LEU A 306 -18.06 -7.43 2.83
C LEU A 306 -19.05 -8.56 2.60
N LEU A 307 -19.46 -9.23 3.68
CA LEU A 307 -20.64 -10.12 3.68
C LEU A 307 -21.92 -9.33 3.46
CD1 4BF B . -1.44 6.44 -8.35
CE1 4BF B . -1.52 7.79 -8.33
CZ 4BF B . -2.10 8.40 -9.42
BR 4BF B . -2.17 10.23 -9.45
CE2 4BF B . -2.57 7.73 -10.51
CD2 4BF B . -2.49 6.34 -10.49
CG 4BF B . -1.93 5.71 -9.41
CB 4BF B . -1.84 4.21 -9.38
CA 4BF B . -0.52 3.66 -8.93
N 4BF B . 0.55 4.12 -9.83
C 4BF B . -0.60 2.16 -9.07
OXT 4BF B . -1.65 1.66 -8.24
O 4BF B . 0.41 1.49 -9.00
#